data_1Z05
#
_entry.id   1Z05
#
_cell.length_a   93.719
_cell.length_b   93.719
_cell.length_c   118.291
_cell.angle_alpha   90.00
_cell.angle_beta   90.00
_cell.angle_gamma   90.00
#
_symmetry.space_group_name_H-M   'P 41 21 2'
#
loop_
_entity.id
_entity.type
_entity.pdbx_description
1 polymer 'transcriptional regulator, ROK family'
2 non-polymer 'ZINC ION'
3 non-polymer 'SULFATE ION'
4 non-polymer BETA-MERCAPTOETHANOL
5 non-polymer GLYCEROL
6 water water
#
_entity_poly.entity_id   1
_entity_poly.type   'polypeptide(L)'
_entity_poly.pdbx_seq_one_letter_code
;MHHHHHHSSGVDLGTENLYFQSNAMYMAQPGHIDHIKQINAGRVYKLIDQKGPISRIDLSKESELAPASITKITRELIDA
HLIHETTVQEAISRGRPAVGLQTNNLGWQFLSMRLGRGYLTIALHELGGEVLIDTKIDIHEIDQDDVLARLLFEIEEFFQ
TYAAQLDRVTSIAITLPGLVNSEQGIVLQMPHYNVKNLALGPEIYKATGLPVFVANDTRAWALAEKLFGHSQDVDNSVLI
SIHHGLGAGIVLDGRVLQGRHGNIGELGHIQIDPQGKRCHCGNYGCLETVASSQAIRDQVTARIQAGEPSCLATVEEISI
EDICAAAADGDPLAVDVIQQLGRYLGAAIAIVINLFNPEKILIGGVINQAKSILYPSIEQCIREQSLPVYHQDLKLVESR
FYKQATMPGAALIKQALYDGLLLMKVVEG
;
_entity_poly.pdbx_strand_id   A
#
# COMPACT_ATOMS: atom_id res chain seq x y z
N ASP A 34 -8.87 4.81 27.50
CA ASP A 34 -8.81 5.08 26.03
C ASP A 34 -8.20 3.88 25.31
N HIS A 35 -6.88 3.74 25.41
CA HIS A 35 -6.12 2.66 24.77
C HIS A 35 -6.48 1.29 25.37
N ILE A 36 -7.04 1.33 26.57
CA ILE A 36 -7.51 0.15 27.30
C ILE A 36 -8.57 -0.59 26.49
N LYS A 37 -9.74 0.04 26.35
CA LYS A 37 -10.88 -0.52 25.65
C LYS A 37 -10.56 -0.72 24.17
N GLN A 38 -9.87 0.27 23.59
CA GLN A 38 -9.53 0.30 22.17
C GLN A 38 -8.94 -1.02 21.67
N ILE A 39 -7.85 -1.46 22.31
CA ILE A 39 -7.16 -2.69 21.91
C ILE A 39 -8.08 -3.93 21.91
N ASN A 40 -8.83 -4.11 22.99
CA ASN A 40 -9.70 -5.26 23.11
C ASN A 40 -10.87 -5.23 22.14
N ALA A 41 -11.41 -4.03 21.93
CA ALA A 41 -12.47 -3.83 20.95
C ALA A 41 -12.00 -4.23 19.56
N GLY A 42 -10.78 -3.82 19.19
CA GLY A 42 -10.20 -4.22 17.91
C GLY A 42 -9.97 -5.73 17.78
N ARG A 43 -9.42 -6.33 18.83
CA ARG A 43 -9.20 -7.78 18.84
C ARG A 43 -10.50 -8.57 18.63
N VAL A 44 -11.55 -8.16 19.35
CA VAL A 44 -12.87 -8.81 19.23
C VAL A 44 -13.48 -8.59 17.84
N TYR A 45 -13.40 -7.36 17.35
CA TYR A 45 -13.94 -7.03 16.03
C TYR A 45 -13.24 -7.81 14.90
N LYS A 46 -11.92 -7.94 14.99
CA LYS A 46 -11.14 -8.74 14.03
C LYS A 46 -11.56 -10.21 14.02
N LEU A 47 -11.78 -10.78 15.21
CA LEU A 47 -12.29 -12.14 15.31
C LEU A 47 -13.65 -12.31 14.62
N ILE A 48 -14.56 -11.38 14.89
CA ILE A 48 -15.89 -11.38 14.28
C ILE A 48 -15.82 -11.22 12.75
N ASP A 49 -14.96 -10.31 12.30
CA ASP A 49 -14.79 -10.04 10.87
C ASP A 49 -14.29 -11.28 10.13
N GLN A 50 -13.31 -11.95 10.73
CA GLN A 50 -12.66 -13.08 10.08
C GLN A 50 -13.32 -14.43 10.34
N LYS A 51 -14.06 -14.55 11.44
CA LYS A 51 -14.61 -15.85 11.87
C LYS A 51 -16.12 -15.88 12.07
N GLY A 52 -16.78 -14.73 12.02
CA GLY A 52 -18.25 -14.67 12.18
C GLY A 52 -18.99 -15.46 11.10
N PRO A 53 -20.21 -15.96 11.38
CA PRO A 53 -20.96 -15.86 12.63
C PRO A 53 -20.27 -16.62 13.76
N ILE A 54 -20.14 -15.95 14.91
CA ILE A 54 -19.38 -16.52 16.03
C ILE A 54 -20.08 -16.21 17.34
N SER A 55 -20.12 -17.19 18.25
CA SER A 55 -20.78 -17.01 19.55
C SER A 55 -19.89 -16.22 20.51
N ARG A 56 -20.52 -15.66 21.53
CA ARG A 56 -19.80 -14.91 22.55
C ARG A 56 -18.86 -15.83 23.32
N ILE A 57 -19.29 -17.07 23.56
CA ILE A 57 -18.43 -18.04 24.25
C ILE A 57 -17.17 -18.37 23.42
N ASP A 58 -17.34 -18.56 22.10
CA ASP A 58 -16.20 -18.74 21.19
C ASP A 58 -15.27 -17.52 21.12
N LEU A 59 -15.84 -16.32 21.14
CA LEU A 59 -15.05 -15.09 21.22
C LEU A 59 -14.28 -15.01 22.54
N SER A 60 -14.92 -15.43 23.63
CA SER A 60 -14.24 -15.47 24.92
C SER A 60 -13.05 -16.43 24.92
N LYS A 61 -13.24 -17.61 24.34
CA LYS A 61 -12.17 -18.61 24.26
C LYS A 61 -11.01 -18.17 23.36
N GLU A 62 -11.34 -17.65 22.17
CA GLU A 62 -10.34 -17.21 21.21
C GLU A 62 -9.55 -15.99 21.65
N SER A 63 -10.23 -14.99 22.20
CA SER A 63 -9.58 -13.74 22.62
C SER A 63 -8.90 -13.83 23.99
N GLU A 64 -9.26 -14.87 24.75
CA GLU A 64 -8.84 -15.05 26.14
C GLU A 64 -9.37 -13.95 27.07
N LEU A 65 -10.54 -13.39 26.72
CA LEU A 65 -11.19 -12.39 27.55
C LEU A 65 -12.40 -12.98 28.26
N ALA A 66 -12.63 -12.54 29.50
CA ALA A 66 -13.76 -12.98 30.32
C ALA A 66 -15.10 -12.58 29.69
N PRO A 67 -16.15 -13.40 29.89
CA PRO A 67 -17.48 -13.11 29.35
C PRO A 67 -17.99 -11.69 29.65
N ALA A 68 -17.73 -11.20 30.86
CA ALA A 68 -18.09 -9.83 31.25
C ALA A 68 -17.47 -8.79 30.30
N SER A 69 -16.21 -9.01 29.92
CA SER A 69 -15.51 -8.11 29.01
C SER A 69 -16.08 -8.26 27.60
N ILE A 70 -16.30 -9.50 27.18
CA ILE A 70 -16.89 -9.78 25.86
C ILE A 70 -18.26 -9.09 25.76
N THR A 71 -19.06 -9.20 26.82
CA THR A 71 -20.39 -8.57 26.85
C THR A 71 -20.31 -7.05 26.67
N LYS A 72 -19.46 -6.40 27.45
CA LYS A 72 -19.27 -4.94 27.37
C LYS A 72 -18.79 -4.48 25.99
N ILE A 73 -17.80 -5.18 25.43
CA ILE A 73 -17.29 -4.86 24.10
C ILE A 73 -18.35 -5.05 23.00
N THR A 74 -18.99 -6.22 22.97
CA THR A 74 -19.99 -6.49 21.94
C THR A 74 -21.19 -5.55 22.05
N ARG A 75 -21.59 -5.21 23.28
CA ARG A 75 -22.72 -4.30 23.47
C ARG A 75 -22.46 -2.93 22.85
N GLU A 76 -21.27 -2.37 23.11
CA GLU A 76 -20.88 -1.10 22.47
C GLU A 76 -20.84 -1.23 20.94
N LEU A 77 -20.31 -2.35 20.44
CA LEU A 77 -20.24 -2.55 18.98
C LEU A 77 -21.61 -2.76 18.35
N ILE A 78 -22.49 -3.49 19.02
CA ILE A 78 -23.88 -3.66 18.56
C ILE A 78 -24.63 -2.32 18.51
N ASP A 79 -24.58 -1.57 19.60
CA ASP A 79 -25.28 -0.29 19.70
C ASP A 79 -24.78 0.72 18.67
N ALA A 80 -23.51 0.60 18.28
CA ALA A 80 -22.93 1.44 17.24
C ALA A 80 -23.26 0.91 15.84
N HIS A 81 -23.91 -0.26 15.78
CA HIS A 81 -24.26 -0.93 14.51
C HIS A 81 -23.05 -1.33 13.67
N LEU A 82 -21.95 -1.67 14.34
CA LEU A 82 -20.74 -2.15 13.66
C LEU A 82 -20.78 -3.67 13.50
N ILE A 83 -21.49 -4.33 14.42
CA ILE A 83 -21.69 -5.77 14.35
C ILE A 83 -23.15 -6.06 14.58
N HIS A 84 -23.57 -7.27 14.23
N HIS A 84 -23.57 -7.28 14.21
CA HIS A 84 -24.95 -7.67 14.42
CA HIS A 84 -24.99 -7.69 14.28
C HIS A 84 -25.07 -9.16 14.66
C HIS A 84 -25.10 -9.18 14.57
N GLU A 85 -26.17 -9.56 15.28
CA GLU A 85 -26.51 -10.96 15.53
C GLU A 85 -28.03 -11.12 15.39
N THR A 86 -28.50 -12.36 15.27
CA THR A 86 -29.91 -12.65 15.52
C THR A 86 -29.95 -13.29 16.91
N THR A 87 -30.50 -12.55 17.88
CA THR A 87 -30.60 -13.02 19.26
C THR A 87 -31.63 -14.13 19.37
N VAL A 88 -31.59 -14.84 20.49
CA VAL A 88 -32.57 -15.89 20.80
C VAL A 88 -34.00 -15.33 20.75
N GLN A 89 -34.21 -14.17 21.37
CA GLN A 89 -35.53 -13.52 21.40
C GLN A 89 -36.04 -13.19 19.98
N GLU A 90 -35.16 -12.65 19.12
CA GLU A 90 -35.50 -12.36 17.72
C GLU A 90 -35.80 -13.64 16.95
N ALA A 91 -34.98 -14.66 17.17
CA ALA A 91 -35.12 -15.97 16.53
C ALA A 91 -36.49 -16.63 16.78
N ILE A 92 -36.89 -16.66 18.05
CA ILE A 92 -38.18 -17.21 18.44
C ILE A 92 -39.32 -16.32 17.95
N SER A 93 -39.18 -15.00 18.16
CA SER A 93 -40.19 -14.03 17.78
C SER A 93 -40.53 -14.13 16.30
N ARG A 94 -39.50 -14.17 15.46
CA ARG A 94 -39.69 -14.07 14.01
C ARG A 94 -39.55 -15.39 13.25
N GLY A 95 -39.34 -16.48 13.98
CA GLY A 95 -39.28 -17.82 13.41
C GLY A 95 -38.11 -18.09 12.47
N ARG A 96 -36.92 -17.58 12.84
CA ARG A 96 -35.70 -17.84 12.09
C ARG A 96 -34.54 -18.24 13.04
N PRO A 97 -33.42 -18.76 12.50
CA PRO A 97 -32.41 -19.29 13.42
C PRO A 97 -31.65 -18.20 14.17
N ALA A 98 -31.23 -18.51 15.39
CA ALA A 98 -30.30 -17.64 16.12
C ALA A 98 -28.96 -17.71 15.40
N VAL A 99 -28.36 -16.54 15.19
CA VAL A 99 -27.13 -16.45 14.40
C VAL A 99 -26.12 -15.63 15.19
N GLY A 100 -24.88 -16.13 15.23
CA GLY A 100 -23.80 -15.49 15.95
C GLY A 100 -23.41 -14.16 15.36
N LEU A 101 -22.49 -13.47 16.03
CA LEU A 101 -22.10 -12.12 15.65
C LEU A 101 -21.33 -12.07 14.33
N GLN A 102 -21.70 -11.10 13.49
CA GLN A 102 -21.02 -10.83 12.22
C GLN A 102 -20.82 -9.33 12.08
N THR A 103 -19.84 -8.93 11.28
CA THR A 103 -19.65 -7.52 11.00
C THR A 103 -20.83 -7.03 10.15
N ASN A 104 -21.26 -5.80 10.44
CA ASN A 104 -22.36 -5.17 9.76
C ASN A 104 -21.84 -4.06 8.86
N ASN A 105 -21.16 -4.44 7.78
CA ASN A 105 -20.48 -3.50 6.88
C ASN A 105 -21.39 -2.66 6.01
N LEU A 106 -22.57 -3.19 5.68
CA LEU A 106 -23.47 -2.55 4.73
C LEU A 106 -24.02 -1.24 5.29
N GLY A 107 -23.76 -0.16 4.56
CA GLY A 107 -24.12 1.18 5.00
C GLY A 107 -22.92 2.01 5.44
N TRP A 108 -21.86 1.32 5.84
CA TRP A 108 -20.64 1.99 6.29
C TRP A 108 -19.67 2.14 5.13
N GLN A 109 -19.02 3.30 5.07
CA GLN A 109 -18.15 3.64 3.98
C GLN A 109 -16.93 4.41 4.50
N PHE A 110 -15.94 4.60 3.63
CA PHE A 110 -14.84 5.52 3.89
C PHE A 110 -14.35 6.09 2.57
N LEU A 111 -13.66 7.22 2.63
CA LEU A 111 -12.96 7.79 1.48
C LEU A 111 -11.51 7.37 1.51
N SER A 112 -10.99 7.01 0.35
CA SER A 112 -9.57 6.73 0.20
C SER A 112 -9.08 7.61 -0.93
N MET A 113 -8.01 8.34 -0.68
CA MET A 113 -7.46 9.29 -1.63
C MET A 113 -6.01 8.98 -1.95
N ARG A 114 -5.59 9.30 -3.16
CA ARG A 114 -4.18 9.34 -3.50
C ARG A 114 -3.82 10.71 -4.03
N LEU A 115 -2.80 11.33 -3.42
CA LEU A 115 -2.17 12.51 -3.99
C LEU A 115 -0.99 12.02 -4.82
N GLY A 116 -1.19 11.97 -6.14
CA GLY A 116 -0.15 11.53 -7.06
C GLY A 116 0.52 12.71 -7.72
N ARG A 117 1.43 12.44 -8.67
CA ARG A 117 2.18 13.49 -9.35
C ARG A 117 1.31 14.21 -10.38
N GLY A 118 0.77 15.35 -9.97
CA GLY A 118 -0.08 16.16 -10.83
C GLY A 118 -1.53 15.76 -10.85
N TYR A 119 -1.94 14.89 -9.91
CA TYR A 119 -3.34 14.49 -9.80
C TYR A 119 -3.77 14.11 -8.38
N LEU A 120 -5.09 14.07 -8.20
CA LEU A 120 -5.70 13.62 -6.96
C LEU A 120 -6.78 12.62 -7.30
N THR A 121 -6.70 11.45 -6.67
CA THR A 121 -7.74 10.43 -6.82
C THR A 121 -8.58 10.37 -5.54
N ILE A 122 -9.90 10.43 -5.70
CA ILE A 122 -10.80 10.28 -4.56
C ILE A 122 -11.70 9.10 -4.88
N ALA A 123 -11.71 8.11 -3.99
CA ALA A 123 -12.57 6.95 -4.17
C ALA A 123 -13.43 6.77 -2.94
N LEU A 124 -14.67 6.38 -3.14
CA LEU A 124 -15.55 5.97 -2.06
C LEU A 124 -15.52 4.45 -1.99
N HIS A 125 -15.23 3.92 -0.80
CA HIS A 125 -15.19 2.47 -0.56
C HIS A 125 -16.26 2.05 0.43
N GLU A 126 -16.75 0.83 0.31
N GLU A 126 -16.73 0.82 0.30
CA GLU A 126 -17.52 0.23 1.41
CA GLU A 126 -17.48 0.14 1.36
C GLU A 126 -16.52 -0.24 2.45
C GLU A 126 -16.48 -0.16 2.47
N LEU A 127 -16.95 -0.26 3.71
CA LEU A 127 -16.09 -0.54 4.85
C LEU A 127 -15.21 -1.81 4.72
N GLY A 128 -15.76 -2.85 4.10
CA GLY A 128 -15.01 -4.07 3.77
C GLY A 128 -13.86 -3.90 2.79
N GLY A 129 -13.81 -2.75 2.10
CA GLY A 129 -12.67 -2.40 1.24
C GLY A 129 -12.95 -2.18 -0.24
N GLU A 130 -14.11 -2.63 -0.72
CA GLU A 130 -14.43 -2.54 -2.15
C GLU A 130 -14.74 -1.12 -2.63
N VAL A 131 -14.27 -0.78 -3.82
CA VAL A 131 -14.49 0.55 -4.41
C VAL A 131 -15.92 0.68 -4.94
N LEU A 132 -16.59 1.77 -4.59
CA LEU A 132 -17.93 2.09 -5.11
C LEU A 132 -17.87 3.17 -6.20
N ILE A 133 -17.10 4.23 -5.96
CA ILE A 133 -16.94 5.34 -6.90
C ILE A 133 -15.49 5.76 -6.86
N ASP A 134 -14.91 6.09 -8.02
CA ASP A 134 -13.60 6.73 -8.01
C ASP A 134 -13.43 7.75 -9.11
N THR A 135 -12.76 8.85 -8.78
CA THR A 135 -12.53 9.92 -9.72
C THR A 135 -11.09 10.37 -9.61
N LYS A 136 -10.50 10.66 -10.78
CA LYS A 136 -9.16 11.19 -10.86
C LYS A 136 -9.26 12.63 -11.35
N ILE A 137 -8.63 13.52 -10.60
CA ILE A 137 -8.70 14.97 -10.85
C ILE A 137 -7.30 15.47 -11.11
N ASP A 138 -7.08 16.10 -12.27
CA ASP A 138 -5.79 16.70 -12.57
C ASP A 138 -5.55 17.97 -11.74
N ILE A 139 -4.34 18.06 -11.20
CA ILE A 139 -3.96 19.09 -10.23
C ILE A 139 -2.73 19.80 -10.79
N HIS A 140 -2.84 21.10 -11.04
N HIS A 140 -2.86 21.10 -11.05
CA HIS A 140 -1.72 21.85 -11.59
CA HIS A 140 -1.78 21.92 -11.61
C HIS A 140 -1.09 22.80 -10.57
C HIS A 140 -0.99 22.65 -10.53
N GLU A 141 -1.55 22.70 -9.33
CA GLU A 141 -0.95 23.43 -8.20
C GLU A 141 0.35 22.76 -7.79
N ILE A 142 1.29 23.56 -7.31
CA ILE A 142 2.64 23.09 -6.94
C ILE A 142 2.94 23.39 -5.47
N ASP A 143 2.67 24.62 -5.07
CA ASP A 143 3.02 25.10 -3.73
C ASP A 143 2.00 24.65 -2.69
N GLN A 144 2.54 24.32 -1.51
CA GLN A 144 1.82 23.75 -0.37
C GLN A 144 0.43 24.34 -0.10
N ASP A 145 0.37 25.65 0.12
CA ASP A 145 -0.91 26.31 0.43
C ASP A 145 -1.94 26.11 -0.67
N ASP A 146 -1.50 26.17 -1.93
CA ASP A 146 -2.38 26.05 -3.09
C ASP A 146 -2.83 24.61 -3.28
N VAL A 147 -1.91 23.67 -3.05
CA VAL A 147 -2.23 22.24 -3.09
C VAL A 147 -3.30 21.90 -2.06
N LEU A 148 -3.10 22.38 -0.83
CA LEU A 148 -4.03 22.09 0.26
C LEU A 148 -5.41 22.72 0.01
N ALA A 149 -5.43 23.97 -0.42
CA ALA A 149 -6.67 24.66 -0.75
C ALA A 149 -7.48 23.91 -1.81
N ARG A 150 -6.80 23.41 -2.84
CA ARG A 150 -7.42 22.66 -3.92
C ARG A 150 -7.98 21.32 -3.45
N LEU A 151 -7.22 20.62 -2.62
CA LEU A 151 -7.60 19.32 -2.11
C LEU A 151 -8.86 19.38 -1.23
N LEU A 152 -8.96 20.41 -0.38
CA LEU A 152 -10.13 20.59 0.48
C LEU A 152 -11.35 20.96 -0.36
N PHE A 153 -11.15 21.81 -1.36
CA PHE A 153 -12.21 22.18 -2.31
C PHE A 153 -12.73 20.93 -3.03
N GLU A 154 -11.82 20.01 -3.38
CA GLU A 154 -12.21 18.79 -4.08
C GLU A 154 -12.94 17.78 -3.22
N ILE A 155 -12.59 17.72 -1.93
CA ILE A 155 -13.33 16.88 -0.97
C ILE A 155 -14.77 17.41 -0.81
N GLU A 156 -14.89 18.72 -0.58
CA GLU A 156 -16.19 19.38 -0.51
C GLU A 156 -17.08 19.09 -1.73
N GLU A 157 -16.52 19.29 -2.92
CA GLU A 157 -17.21 19.02 -4.19
C GLU A 157 -17.66 17.56 -4.29
N PHE A 158 -16.80 16.63 -3.88
CA PHE A 158 -17.10 15.19 -3.89
C PHE A 158 -18.31 14.84 -3.03
N PHE A 159 -18.35 15.36 -1.80
CA PHE A 159 -19.52 15.15 -0.92
C PHE A 159 -20.81 15.71 -1.50
N GLN A 160 -20.72 16.84 -2.19
CA GLN A 160 -21.89 17.43 -2.83
C GLN A 160 -22.30 16.63 -4.07
N THR A 161 -21.34 16.30 -4.92
CA THR A 161 -21.64 15.62 -6.18
C THR A 161 -22.23 14.24 -5.95
N TYR A 162 -21.66 13.50 -5.00
CA TYR A 162 -22.07 12.11 -4.78
C TYR A 162 -22.94 11.91 -3.54
N ALA A 163 -23.62 12.97 -3.11
CA ALA A 163 -24.44 12.94 -1.90
C ALA A 163 -25.40 11.74 -1.81
N ALA A 164 -26.04 11.40 -2.92
CA ALA A 164 -27.03 10.32 -2.97
C ALA A 164 -26.41 8.94 -2.75
N GLN A 165 -25.15 8.79 -3.15
CA GLN A 165 -24.43 7.52 -3.03
C GLN A 165 -23.64 7.42 -1.73
N LEU A 166 -23.51 8.55 -1.03
CA LEU A 166 -22.80 8.56 0.25
C LEU A 166 -23.74 8.15 1.36
N ASP A 167 -23.26 7.33 2.28
CA ASP A 167 -24.08 6.88 3.38
C ASP A 167 -23.34 7.27 4.67
N ARG A 168 -22.88 6.28 5.43
N ARG A 168 -22.90 6.29 5.44
CA ARG A 168 -22.19 6.53 6.68
CA ARG A 168 -22.19 6.55 6.68
C ARG A 168 -20.68 6.50 6.46
C ARG A 168 -20.68 6.50 6.46
N VAL A 169 -20.11 7.66 6.15
CA VAL A 169 -18.67 7.79 5.89
C VAL A 169 -17.93 7.90 7.23
N THR A 170 -17.06 6.95 7.50
CA THR A 170 -16.47 6.84 8.84
C THR A 170 -15.13 7.54 8.98
N SER A 171 -14.45 7.73 7.85
CA SER A 171 -13.03 8.10 7.87
C SER A 171 -12.52 8.43 6.47
N ILE A 172 -11.33 9.02 6.41
CA ILE A 172 -10.64 9.32 5.18
C ILE A 172 -9.21 8.81 5.27
N ALA A 173 -8.79 8.07 4.26
CA ALA A 173 -7.39 7.66 4.13
C ALA A 173 -6.78 8.38 2.93
N ILE A 174 -5.54 8.81 3.08
CA ILE A 174 -4.81 9.44 1.98
C ILE A 174 -3.37 8.92 1.94
N THR A 175 -2.95 8.47 0.76
CA THR A 175 -1.60 7.94 0.56
C THR A 175 -0.92 8.77 -0.51
N LEU A 176 0.40 8.84 -0.45
CA LEU A 176 1.18 9.69 -1.32
C LEU A 176 2.65 9.32 -1.22
N PRO A 177 3.42 9.60 -2.29
CA PRO A 177 4.88 9.40 -2.19
C PRO A 177 5.49 10.46 -1.26
N GLY A 178 6.70 10.22 -0.77
CA GLY A 178 7.39 11.22 0.04
C GLY A 178 7.58 10.86 1.51
N LEU A 179 8.07 11.83 2.29
CA LEU A 179 8.29 11.61 3.72
C LEU A 179 7.03 11.96 4.51
N VAL A 180 6.50 10.98 5.22
CA VAL A 180 5.21 11.12 5.89
C VAL A 180 5.32 10.63 7.34
N ASN A 181 4.93 11.51 8.27
CA ASN A 181 4.73 11.12 9.65
C ASN A 181 3.26 10.74 9.83
N SER A 182 3.01 9.42 9.91
CA SER A 182 1.66 8.87 10.02
C SER A 182 0.98 9.17 11.35
N GLU A 183 1.74 9.07 12.43
CA GLU A 183 1.27 9.39 13.78
C GLU A 183 0.65 10.78 13.83
N GLN A 184 1.29 11.74 13.16
CA GLN A 184 0.89 13.15 13.22
C GLN A 184 0.09 13.62 12.00
N GLY A 185 0.13 12.86 10.91
CA GLY A 185 -0.57 13.24 9.68
C GLY A 185 0.16 14.35 8.92
N ILE A 186 1.49 14.38 9.05
CA ILE A 186 2.31 15.45 8.48
C ILE A 186 3.12 14.92 7.30
N VAL A 187 3.05 15.64 6.18
CA VAL A 187 3.90 15.36 5.03
C VAL A 187 5.12 16.28 5.12
N LEU A 188 6.29 15.70 5.38
CA LEU A 188 7.49 16.51 5.59
C LEU A 188 8.01 17.11 4.29
N GLN A 189 7.96 16.32 3.23
CA GLN A 189 8.35 16.76 1.89
C GLN A 189 7.93 15.66 0.95
N MET A 190 7.81 15.98 -0.33
CA MET A 190 7.36 14.99 -1.30
C MET A 190 7.81 15.32 -2.73
N PRO A 191 7.75 14.33 -3.64
CA PRO A 191 8.09 14.62 -5.04
C PRO A 191 7.02 15.51 -5.68
N HIS A 192 7.40 16.21 -6.75
CA HIS A 192 6.48 17.00 -7.58
C HIS A 192 6.03 18.31 -6.94
N TYR A 193 5.42 18.21 -5.76
CA TYR A 193 4.90 19.38 -5.07
C TYR A 193 5.98 20.02 -4.20
N ASN A 194 5.86 21.33 -3.99
CA ASN A 194 6.75 22.07 -3.11
C ASN A 194 6.15 22.09 -1.71
N VAL A 195 6.52 21.08 -0.92
CA VAL A 195 5.94 20.85 0.40
C VAL A 195 6.99 20.86 1.51
N LYS A 196 6.64 21.48 2.63
CA LYS A 196 7.47 21.48 3.83
C LYS A 196 6.58 21.38 5.07
N ASN A 197 6.53 20.18 5.65
CA ASN A 197 5.78 19.92 6.87
C ASN A 197 4.29 20.29 6.79
N LEU A 198 3.63 19.82 5.73
CA LEU A 198 2.20 20.08 5.54
C LEU A 198 1.37 19.19 6.48
N ALA A 199 0.60 19.82 7.36
CA ALA A 199 -0.25 19.12 8.31
C ALA A 199 -1.52 18.61 7.63
N LEU A 200 -1.35 17.65 6.74
CA LEU A 200 -2.42 17.18 5.87
C LEU A 200 -3.58 16.51 6.62
N GLY A 201 -3.26 15.61 7.54
CA GLY A 201 -4.27 14.98 8.41
C GLY A 201 -5.08 15.97 9.24
N PRO A 202 -4.40 16.79 10.08
CA PRO A 202 -5.12 17.82 10.86
C PRO A 202 -5.99 18.77 10.03
N GLU A 203 -5.51 19.15 8.84
CA GLU A 203 -6.25 20.07 7.97
C GLU A 203 -7.51 19.42 7.38
N ILE A 204 -7.41 18.16 6.98
CA ILE A 204 -8.58 17.42 6.48
C ILE A 204 -9.56 17.15 7.62
N TYR A 205 -9.03 16.81 8.79
CA TYR A 205 -9.88 16.61 9.97
C TYR A 205 -10.63 17.89 10.34
N LYS A 206 -9.97 19.03 10.26
CA LYS A 206 -10.63 20.32 10.53
C LYS A 206 -11.75 20.60 9.52
N ALA A 207 -11.53 20.22 8.27
CA ALA A 207 -12.48 20.50 7.20
C ALA A 207 -13.66 19.52 7.13
N THR A 208 -13.55 18.38 7.82
CA THR A 208 -14.55 17.31 7.68
C THR A 208 -15.11 16.74 8.99
N GLY A 209 -14.34 16.90 10.08
CA GLY A 209 -14.69 16.26 11.35
C GLY A 209 -14.41 14.76 11.40
N LEU A 210 -13.91 14.20 10.30
CA LEU A 210 -13.65 12.76 10.20
C LEU A 210 -12.23 12.39 10.61
N PRO A 211 -12.04 11.19 11.21
CA PRO A 211 -10.67 10.71 11.40
C PRO A 211 -9.95 10.54 10.06
N VAL A 212 -8.69 10.96 10.04
CA VAL A 212 -7.88 10.96 8.83
C VAL A 212 -6.63 10.14 9.09
N PHE A 213 -6.32 9.28 8.13
CA PHE A 213 -5.16 8.39 8.15
C PHE A 213 -4.31 8.70 6.93
N VAL A 214 -3.09 9.17 7.19
CA VAL A 214 -2.17 9.62 6.16
C VAL A 214 -0.97 8.67 6.18
N ALA A 215 -0.53 8.22 5.01
CA ALA A 215 0.65 7.35 4.96
C ALA A 215 1.43 7.46 3.66
N ASN A 216 2.71 7.10 3.72
CA ASN A 216 3.50 6.93 2.52
C ASN A 216 2.90 5.78 1.69
N ASP A 217 2.83 5.98 0.38
CA ASP A 217 2.14 5.05 -0.50
C ASP A 217 2.74 3.66 -0.57
N THR A 218 4.07 3.57 -0.57
CA THR A 218 4.76 2.26 -0.65
C THR A 218 4.50 1.41 0.60
N ARG A 219 4.54 2.07 1.74
CA ARG A 219 4.32 1.41 3.02
C ARG A 219 2.88 0.96 3.15
N ALA A 220 1.94 1.81 2.75
CA ALA A 220 0.52 1.48 2.79
C ALA A 220 0.16 0.39 1.77
N TRP A 221 0.86 0.39 0.64
CA TRP A 221 0.69 -0.65 -0.35
C TRP A 221 1.16 -2.01 0.19
N ALA A 222 2.29 -2.06 0.89
CA ALA A 222 2.73 -3.31 1.51
C ALA A 222 1.67 -3.86 2.48
N LEU A 223 1.03 -2.96 3.23
CA LEU A 223 -0.09 -3.32 4.10
C LEU A 223 -1.31 -3.86 3.35
N ALA A 224 -1.67 -3.23 2.22
CA ALA A 224 -2.74 -3.74 1.37
C ALA A 224 -2.44 -5.13 0.82
N GLU A 225 -1.18 -5.40 0.51
CA GLU A 225 -0.81 -6.74 0.05
C GLU A 225 -0.98 -7.76 1.18
N LYS A 226 -0.63 -7.38 2.41
CA LYS A 226 -0.83 -8.22 3.60
C LYS A 226 -2.31 -8.43 3.98
N LEU A 227 -3.12 -7.39 3.85
CA LEU A 227 -4.55 -7.48 4.22
C LEU A 227 -5.49 -7.96 3.11
N PHE A 228 -5.16 -7.64 1.86
CA PHE A 228 -6.09 -7.82 0.74
C PHE A 228 -5.43 -8.51 -0.45
N GLY A 229 -4.10 -8.62 -0.43
CA GLY A 229 -3.37 -8.97 -1.64
C GLY A 229 -2.59 -10.26 -1.58
N HIS A 230 -1.35 -10.21 -2.06
CA HIS A 230 -0.61 -11.46 -2.29
C HIS A 230 0.41 -11.81 -1.21
N SER A 231 0.27 -11.19 -0.04
CA SER A 231 1.09 -11.59 1.10
C SER A 231 0.23 -11.86 2.34
N GLN A 232 -1.03 -12.19 2.12
CA GLN A 232 -1.94 -12.56 3.21
C GLN A 232 -1.52 -13.78 4.03
N ASP A 233 -0.75 -14.65 3.37
N ASP A 233 -0.79 -14.70 3.40
CA ASP A 233 -0.35 -15.97 3.91
CA ASP A 233 -0.41 -15.94 4.07
C ASP A 233 0.91 -15.98 4.80
C ASP A 233 0.66 -15.78 5.14
N VAL A 234 1.57 -14.83 4.93
CA VAL A 234 2.78 -14.70 5.79
C VAL A 234 2.75 -13.44 6.65
N ASP A 235 3.43 -13.48 7.79
CA ASP A 235 3.54 -12.31 8.66
C ASP A 235 4.85 -11.53 8.47
N ASN A 236 5.72 -12.06 7.61
CA ASN A 236 7.01 -11.45 7.32
C ASN A 236 7.26 -11.45 5.81
N SER A 237 7.14 -10.28 5.20
CA SER A 237 7.27 -10.15 3.76
C SER A 237 7.89 -8.81 3.37
N VAL A 238 8.31 -8.72 2.11
CA VAL A 238 8.82 -7.48 1.58
C VAL A 238 8.17 -7.23 0.23
N LEU A 239 7.63 -6.03 0.05
CA LEU A 239 7.13 -5.57 -1.24
C LEU A 239 8.19 -4.65 -1.84
N ILE A 240 8.63 -4.98 -3.05
CA ILE A 240 9.57 -4.12 -3.76
C ILE A 240 8.84 -3.30 -4.82
N SER A 241 8.84 -1.99 -4.60
CA SER A 241 8.19 -1.05 -5.49
C SER A 241 9.23 -0.48 -6.44
N ILE A 242 9.01 -0.72 -7.74
CA ILE A 242 9.89 -0.24 -8.79
C ILE A 242 9.08 0.73 -9.66
N HIS A 243 9.41 2.01 -9.55
CA HIS A 243 8.74 3.08 -10.30
C HIS A 243 9.74 4.22 -10.53
N HIS A 244 9.38 5.45 -10.16
CA HIS A 244 10.30 6.58 -10.19
C HIS A 244 11.49 6.34 -9.27
N GLY A 245 11.20 5.79 -8.09
CA GLY A 245 12.21 5.36 -7.15
C GLY A 245 12.07 3.89 -6.83
N LEU A 246 12.95 3.41 -5.95
CA LEU A 246 12.94 2.03 -5.52
C LEU A 246 12.81 2.00 -4.02
N GLY A 247 11.81 1.26 -3.57
CA GLY A 247 11.47 1.22 -2.16
C GLY A 247 11.00 -0.15 -1.77
N ALA A 248 11.32 -0.53 -0.53
CA ALA A 248 10.82 -1.76 0.03
C ALA A 248 9.82 -1.41 1.13
N GLY A 249 8.66 -2.04 1.07
CA GLY A 249 7.69 -1.96 2.15
C GLY A 249 7.84 -3.25 2.92
N ILE A 250 8.31 -3.13 4.16
CA ILE A 250 8.71 -4.30 4.94
C ILE A 250 7.63 -4.60 5.99
N VAL A 251 7.09 -5.82 5.90
CA VAL A 251 6.14 -6.30 6.89
C VAL A 251 6.87 -7.25 7.85
N LEU A 252 6.87 -6.90 9.12
N LEU A 252 6.87 -6.88 9.12
CA LEU A 252 7.47 -7.71 10.17
CA LEU A 252 7.44 -7.71 10.18
C LEU A 252 6.43 -7.97 11.26
C LEU A 252 6.37 -7.97 11.23
N ASP A 253 6.21 -9.25 11.57
CA ASP A 253 5.18 -9.69 12.55
C ASP A 253 3.79 -9.15 12.25
N GLY A 254 3.44 -9.09 10.97
CA GLY A 254 2.09 -8.67 10.57
C GLY A 254 1.87 -7.18 10.44
N ARG A 255 2.89 -6.38 10.76
CA ARG A 255 2.80 -4.92 10.64
C ARG A 255 3.93 -4.33 9.79
N VAL A 256 3.60 -3.28 9.06
CA VAL A 256 4.55 -2.62 8.18
C VAL A 256 5.46 -1.69 8.99
N LEU A 257 6.76 -1.72 8.68
CA LEU A 257 7.69 -0.75 9.25
C LEU A 257 7.58 0.57 8.51
N GLN A 258 7.25 1.62 9.25
CA GLN A 258 7.04 2.93 8.65
C GLN A 258 8.14 3.90 9.05
N GLY A 259 8.40 3.99 10.35
CA GLY A 259 9.33 4.97 10.88
C GLY A 259 8.64 6.31 11.00
N ARG A 260 9.30 7.24 11.69
CA ARG A 260 8.85 8.62 11.88
C ARG A 260 8.67 9.40 10.56
N HIS A 261 9.36 8.97 9.51
CA HIS A 261 9.31 9.68 8.23
C HIS A 261 8.73 8.81 7.11
N GLY A 262 8.22 7.63 7.46
CA GLY A 262 7.58 6.73 6.49
C GLY A 262 8.51 6.26 5.39
N ASN A 263 9.79 6.15 5.73
CA ASN A 263 10.84 5.87 4.76
C ASN A 263 11.68 4.64 5.07
N ILE A 264 11.24 3.82 6.02
CA ILE A 264 11.97 2.58 6.31
C ILE A 264 11.87 1.67 5.09
N GLY A 265 13.03 1.29 4.56
CA GLY A 265 13.05 0.44 3.39
C GLY A 265 13.40 1.12 2.08
N GLU A 266 13.75 2.41 2.15
N GLU A 266 13.75 2.40 2.17
CA GLU A 266 14.14 3.12 0.93
CA GLU A 266 14.25 3.15 1.01
C GLU A 266 15.45 2.56 0.37
C GLU A 266 15.43 2.38 0.41
N LEU A 267 15.40 2.15 -0.90
CA LEU A 267 16.51 1.44 -1.56
C LEU A 267 17.35 2.27 -2.53
N GLY A 268 16.82 3.41 -2.95
CA GLY A 268 17.38 4.12 -4.11
C GLY A 268 18.79 4.66 -3.97
N HIS A 269 19.24 4.88 -2.74
CA HIS A 269 20.57 5.41 -2.51
C HIS A 269 21.58 4.44 -1.91
N ILE A 270 21.23 3.16 -1.93
N ILE A 270 21.21 3.16 -1.94
CA ILE A 270 22.18 2.10 -1.66
CA ILE A 270 22.16 2.06 -1.73
C ILE A 270 23.16 2.05 -2.85
C ILE A 270 23.16 2.09 -2.88
N GLN A 271 24.46 2.15 -2.55
CA GLN A 271 25.49 2.07 -3.58
C GLN A 271 25.59 0.63 -4.10
N ILE A 272 25.24 0.42 -5.37
CA ILE A 272 25.32 -0.92 -5.97
C ILE A 272 26.46 -1.03 -6.99
N ASP A 273 26.98 0.11 -7.42
CA ASP A 273 28.15 0.15 -8.28
C ASP A 273 29.18 1.15 -7.74
N PRO A 274 30.28 0.63 -7.16
CA PRO A 274 31.35 1.47 -6.60
C PRO A 274 31.93 2.49 -7.59
N GLN A 275 31.99 2.12 -8.87
CA GLN A 275 32.50 3.00 -9.92
C GLN A 275 31.38 3.41 -10.90
N GLY A 276 30.30 3.98 -10.38
CA GLY A 276 29.12 4.26 -11.20
C GLY A 276 28.83 5.71 -11.50
N LYS A 277 27.64 5.95 -12.06
CA LYS A 277 27.15 7.28 -12.41
C LYS A 277 26.88 8.15 -11.18
N ARG A 278 27.09 9.46 -11.34
CA ARG A 278 26.76 10.42 -10.29
C ARG A 278 25.24 10.50 -10.14
N CYS A 279 24.79 10.41 -8.90
CA CYS A 279 23.37 10.49 -8.56
C CYS A 279 23.00 11.94 -8.27
N HIS A 280 21.71 12.25 -8.33
CA HIS A 280 21.22 13.57 -7.97
C HIS A 280 21.59 13.96 -6.53
N CYS A 281 21.82 12.94 -5.69
CA CYS A 281 22.23 13.17 -4.30
C CYS A 281 23.69 13.62 -4.16
N GLY A 282 24.46 13.45 -5.22
CA GLY A 282 25.86 13.92 -5.25
C GLY A 282 26.85 12.79 -5.09
N ASN A 283 26.38 11.66 -4.56
CA ASN A 283 27.16 10.43 -4.49
C ASN A 283 27.10 9.64 -5.78
N TYR A 284 27.93 8.61 -5.88
CA TYR A 284 28.07 7.82 -7.11
C TYR A 284 27.59 6.37 -6.95
N GLY A 285 26.98 5.84 -8.00
CA GLY A 285 26.65 4.41 -8.06
C GLY A 285 25.42 3.94 -7.30
N CYS A 286 24.56 4.90 -6.92
CA CYS A 286 23.29 4.60 -6.24
C CYS A 286 22.39 3.70 -7.09
N LEU A 287 21.57 2.87 -6.44
CA LEU A 287 20.64 2.02 -7.17
C LEU A 287 19.75 2.81 -8.15
N GLU A 288 19.28 3.98 -7.76
CA GLU A 288 18.39 4.69 -8.69
C GLU A 288 19.06 5.24 -9.96
N THR A 289 20.39 5.21 -10.02
CA THR A 289 21.12 5.60 -11.23
C THR A 289 21.03 4.52 -12.33
N VAL A 290 20.60 3.32 -11.95
CA VAL A 290 20.52 2.21 -12.89
C VAL A 290 19.14 1.53 -12.91
N ALA A 291 18.27 1.87 -11.97
CA ALA A 291 17.04 1.10 -11.79
C ALA A 291 15.75 1.92 -11.74
N SER A 292 15.87 3.24 -11.77
CA SER A 292 14.72 4.12 -11.86
C SER A 292 14.14 3.98 -13.28
N SER A 293 12.87 4.36 -13.44
N SER A 293 12.88 4.37 -13.46
CA SER A 293 12.21 4.33 -14.75
CA SER A 293 12.24 4.29 -14.77
C SER A 293 12.99 5.13 -15.79
C SER A 293 12.98 5.14 -15.81
N GLN A 294 13.47 6.30 -15.39
CA GLN A 294 14.28 7.18 -16.24
C GLN A 294 15.62 6.54 -16.64
N ALA A 295 16.29 5.89 -15.70
CA ALA A 295 17.57 5.26 -15.96
C ALA A 295 17.47 4.11 -16.97
N ILE A 296 16.39 3.35 -16.90
N ILE A 296 16.39 3.34 -16.89
CA ILE A 296 16.15 2.25 -17.85
CA ILE A 296 16.14 2.24 -17.83
C ILE A 296 15.92 2.79 -19.26
C ILE A 296 15.90 2.78 -19.25
N ARG A 297 15.01 3.77 -19.37
CA ARG A 297 14.75 4.44 -20.65
C ARG A 297 16.01 5.06 -21.25
N ASP A 298 16.79 5.72 -20.41
CA ASP A 298 18.07 6.30 -20.82
C ASP A 298 19.09 5.26 -21.32
N GLN A 299 19.08 4.06 -20.71
CA GLN A 299 19.98 2.99 -21.12
C GLN A 299 19.64 2.51 -22.53
N VAL A 300 18.34 2.29 -22.75
CA VAL A 300 17.82 1.87 -24.04
C VAL A 300 18.17 2.92 -25.10
N THR A 301 17.89 4.18 -24.79
CA THR A 301 18.23 5.29 -25.70
C THR A 301 19.72 5.33 -26.02
N ALA A 302 20.59 5.13 -25.03
CA ALA A 302 22.04 5.17 -25.26
C ALA A 302 22.54 4.01 -26.14
N ARG A 303 22.02 2.81 -25.91
CA ARG A 303 22.51 1.64 -26.65
C ARG A 303 22.06 1.66 -28.11
N ILE A 304 20.86 2.18 -28.36
CA ILE A 304 20.37 2.39 -29.73
C ILE A 304 21.18 3.46 -30.48
N GLN A 305 21.51 4.55 -29.78
N GLN A 305 21.52 4.55 -29.78
CA GLN A 305 22.34 5.63 -30.34
CA GLN A 305 22.35 5.62 -30.35
C GLN A 305 23.74 5.13 -30.69
C GLN A 305 23.75 5.14 -30.67
N ALA A 306 24.24 4.17 -29.90
CA ALA A 306 25.54 3.56 -30.14
C ALA A 306 25.51 2.52 -31.26
N GLY A 307 24.31 2.22 -31.76
CA GLY A 307 24.15 1.41 -32.95
C GLY A 307 23.77 -0.05 -32.69
N GLU A 308 23.32 -0.35 -31.48
CA GLU A 308 22.85 -1.70 -31.16
C GLU A 308 21.47 -1.95 -31.78
N PRO A 309 21.31 -3.09 -32.49
CA PRO A 309 20.05 -3.33 -33.20
C PRO A 309 18.89 -3.63 -32.26
N SER A 310 17.70 -3.17 -32.63
CA SER A 310 16.50 -3.38 -31.82
C SER A 310 15.28 -3.02 -32.60
N CYS A 311 14.16 -3.65 -32.26
CA CYS A 311 12.86 -3.31 -32.80
C CYS A 311 12.37 -1.94 -32.26
N LEU A 312 13.04 -1.44 -31.22
CA LEU A 312 12.75 -0.13 -30.65
C LEU A 312 13.50 1.01 -31.34
N ALA A 313 14.38 0.69 -32.28
CA ALA A 313 15.30 1.67 -32.89
C ALA A 313 14.62 2.71 -33.80
N THR A 314 13.34 2.52 -34.09
CA THR A 314 12.58 3.47 -34.91
C THR A 314 11.46 4.13 -34.11
N VAL A 315 11.30 3.68 -32.86
CA VAL A 315 10.22 4.13 -31.99
C VAL A 315 10.55 5.49 -31.34
N GLU A 316 9.58 6.41 -31.42
CA GLU A 316 9.68 7.71 -30.78
C GLU A 316 9.11 7.64 -29.37
N GLU A 317 9.78 8.30 -28.42
CA GLU A 317 9.31 8.39 -27.03
C GLU A 317 9.13 7.03 -26.33
N ILE A 318 10.19 6.24 -26.31
CA ILE A 318 10.21 4.92 -25.66
C ILE A 318 9.72 4.98 -24.20
N SER A 319 8.69 4.20 -23.90
CA SER A 319 8.21 4.05 -22.53
C SER A 319 8.71 2.74 -21.92
N ILE A 320 8.51 2.58 -20.62
CA ILE A 320 8.80 1.33 -19.92
C ILE A 320 7.91 0.22 -20.43
N GLU A 321 6.63 0.55 -20.67
CA GLU A 321 5.69 -0.39 -21.29
C GLU A 321 6.19 -0.91 -22.64
N ASP A 322 6.73 -0.02 -23.46
CA ASP A 322 7.31 -0.39 -24.77
C ASP A 322 8.50 -1.34 -24.61
N ILE A 323 9.38 -1.04 -23.66
CA ILE A 323 10.55 -1.88 -23.38
C ILE A 323 10.12 -3.27 -22.91
N CYS A 324 9.14 -3.32 -22.01
CA CYS A 324 8.61 -4.57 -21.47
C CYS A 324 7.93 -5.42 -22.53
N ALA A 325 7.22 -4.76 -23.45
CA ALA A 325 6.54 -5.44 -24.55
C ALA A 325 7.53 -5.96 -25.58
N ALA A 326 8.63 -5.24 -25.78
CA ALA A 326 9.68 -5.67 -26.68
C ALA A 326 10.43 -6.88 -26.11
N ALA A 327 10.76 -6.81 -24.82
CA ALA A 327 11.44 -7.88 -24.11
C ALA A 327 10.58 -9.15 -24.06
N ALA A 328 9.33 -9.00 -23.62
CA ALA A 328 8.36 -10.10 -23.62
C ALA A 328 8.22 -10.73 -25.00
N ASP A 329 8.33 -9.91 -26.05
CA ASP A 329 8.19 -10.39 -27.42
C ASP A 329 9.51 -10.83 -28.06
N GLY A 330 10.58 -10.85 -27.25
CA GLY A 330 11.85 -11.44 -27.66
C GLY A 330 12.93 -10.55 -28.24
N ASP A 331 12.78 -9.22 -28.11
CA ASP A 331 13.80 -8.31 -28.61
C ASP A 331 15.08 -8.44 -27.78
N PRO A 332 16.18 -8.89 -28.39
CA PRO A 332 17.43 -9.14 -27.65
C PRO A 332 17.90 -7.97 -26.80
N LEU A 333 17.87 -6.76 -27.35
CA LEU A 333 18.27 -5.57 -26.59
C LEU A 333 17.40 -5.31 -25.34
N ALA A 334 16.08 -5.33 -25.53
CA ALA A 334 15.14 -5.12 -24.43
C ALA A 334 15.25 -6.22 -23.38
N VAL A 335 15.38 -7.47 -23.84
CA VAL A 335 15.64 -8.59 -22.94
C VAL A 335 16.90 -8.32 -22.10
N ASP A 336 17.99 -7.93 -22.77
CA ASP A 336 19.25 -7.65 -22.07
C ASP A 336 19.15 -6.51 -21.05
N VAL A 337 18.42 -5.46 -21.42
CA VAL A 337 18.15 -4.33 -20.52
C VAL A 337 17.35 -4.77 -19.28
N ILE A 338 16.30 -5.56 -19.48
CA ILE A 338 15.52 -6.10 -18.35
C ILE A 338 16.31 -7.04 -17.44
N GLN A 339 17.17 -7.86 -18.04
CA GLN A 339 18.02 -8.77 -17.26
C GLN A 339 19.02 -8.00 -16.40
N GLN A 340 19.65 -6.98 -16.97
N GLN A 340 19.64 -6.98 -16.97
CA GLN A 340 20.54 -6.11 -16.22
CA GLN A 340 20.54 -6.11 -16.22
C GLN A 340 19.83 -5.45 -15.04
C GLN A 340 19.84 -5.42 -15.05
N LEU A 341 18.63 -4.93 -15.28
CA LEU A 341 17.79 -4.37 -14.23
C LEU A 341 17.55 -5.39 -13.11
N GLY A 342 17.19 -6.61 -13.49
CA GLY A 342 17.00 -7.72 -12.55
C GLY A 342 18.22 -8.02 -11.69
N ARG A 343 19.41 -7.95 -12.28
CA ARG A 343 20.64 -8.17 -11.52
C ARG A 343 20.83 -7.13 -10.42
N TYR A 344 20.58 -5.87 -10.75
CA TYR A 344 20.69 -4.78 -9.79
C TYR A 344 19.62 -4.85 -8.70
N LEU A 345 18.38 -5.13 -9.10
CA LEU A 345 17.29 -5.35 -8.15
C LEU A 345 17.56 -6.56 -7.24
N GLY A 346 18.06 -7.63 -7.83
CA GLY A 346 18.46 -8.82 -7.11
C GLY A 346 19.50 -8.55 -6.03
N ALA A 347 20.48 -7.69 -6.34
CA ALA A 347 21.48 -7.27 -5.36
C ALA A 347 20.85 -6.51 -4.18
N ALA A 348 19.94 -5.60 -4.48
CA ALA A 348 19.27 -4.83 -3.42
C ALA A 348 18.33 -5.71 -2.60
N ILE A 349 17.62 -6.61 -3.27
CA ILE A 349 16.72 -7.53 -2.61
C ILE A 349 17.49 -8.53 -1.73
N ALA A 350 18.67 -8.97 -2.19
CA ALA A 350 19.53 -9.84 -1.38
C ALA A 350 19.94 -9.18 -0.06
N ILE A 351 20.20 -7.88 -0.12
CA ILE A 351 20.49 -7.09 1.08
C ILE A 351 19.34 -7.13 2.08
N VAL A 352 18.12 -6.92 1.59
CA VAL A 352 16.92 -6.91 2.40
C VAL A 352 16.63 -8.30 3.02
N ILE A 353 16.87 -9.33 2.22
CA ILE A 353 16.75 -10.72 2.69
C ILE A 353 17.71 -10.99 3.85
N ASN A 354 18.99 -10.65 3.65
CA ASN A 354 20.01 -10.75 4.71
C ASN A 354 19.63 -10.08 6.03
N LEU A 355 19.08 -8.87 5.94
CA LEU A 355 18.73 -8.10 7.11
C LEU A 355 17.41 -8.50 7.76
N PHE A 356 16.46 -8.98 6.97
CA PHE A 356 15.11 -9.22 7.49
C PHE A 356 14.64 -10.67 7.53
N ASN A 357 15.29 -11.56 6.80
CA ASN A 357 14.88 -12.98 6.72
C ASN A 357 13.37 -13.11 6.41
N PRO A 358 12.89 -12.47 5.32
CA PRO A 358 11.46 -12.50 5.02
C PRO A 358 10.99 -13.87 4.52
N GLU A 359 9.68 -14.13 4.64
CA GLU A 359 9.10 -15.38 4.17
C GLU A 359 8.56 -15.25 2.75
N LYS A 360 8.52 -14.03 2.22
CA LYS A 360 7.98 -13.81 0.88
C LYS A 360 8.41 -12.47 0.30
N ILE A 361 8.67 -12.47 -1.02
CA ILE A 361 9.05 -11.26 -1.74
C ILE A 361 7.99 -10.97 -2.80
N LEU A 362 7.43 -9.76 -2.76
CA LEU A 362 6.52 -9.33 -3.83
C LEU A 362 7.16 -8.21 -4.65
N ILE A 363 6.90 -8.25 -5.94
CA ILE A 363 7.38 -7.24 -6.88
C ILE A 363 6.18 -6.45 -7.41
N GLY A 364 6.25 -5.13 -7.34
CA GLY A 364 5.20 -4.28 -7.86
C GLY A 364 5.73 -3.23 -8.82
N GLY A 365 4.98 -2.98 -9.88
CA GLY A 365 5.34 -1.97 -10.87
C GLY A 365 5.06 -2.43 -12.28
N VAL A 366 5.11 -1.51 -13.23
CA VAL A 366 4.83 -1.82 -14.64
C VAL A 366 5.80 -2.88 -15.18
N ILE A 367 6.99 -2.93 -14.59
CA ILE A 367 8.02 -3.91 -14.94
C ILE A 367 7.55 -5.38 -14.84
N ASN A 368 6.44 -5.61 -14.14
CA ASN A 368 5.85 -6.94 -14.07
C ASN A 368 5.32 -7.45 -15.43
N GLN A 369 5.21 -6.55 -16.40
N GLN A 369 5.19 -6.53 -16.39
CA GLN A 369 4.83 -6.91 -17.77
CA GLN A 369 4.85 -6.87 -17.77
C GLN A 369 5.94 -7.67 -18.48
C GLN A 369 5.89 -7.83 -18.35
N ALA A 370 7.14 -7.65 -17.91
CA ALA A 370 8.26 -8.46 -18.39
C ALA A 370 8.77 -9.42 -17.31
N LYS A 371 7.87 -9.85 -16.42
CA LYS A 371 8.28 -10.68 -15.27
C LYS A 371 8.93 -12.01 -15.65
N SER A 372 8.54 -12.59 -16.78
CA SER A 372 9.14 -13.83 -17.27
C SER A 372 10.63 -13.67 -17.52
N ILE A 373 11.05 -12.44 -17.85
CA ILE A 373 12.44 -12.11 -18.12
C ILE A 373 13.15 -11.59 -16.86
N LEU A 374 12.45 -10.73 -16.12
CA LEU A 374 13.00 -10.08 -14.93
C LEU A 374 13.23 -11.03 -13.76
N TYR A 375 12.25 -11.89 -13.45
CA TYR A 375 12.31 -12.68 -12.22
C TYR A 375 13.49 -13.65 -12.15
N PRO A 376 13.74 -14.42 -13.23
CA PRO A 376 14.94 -15.30 -13.19
C PRO A 376 16.26 -14.57 -12.94
N SER A 377 16.40 -13.36 -13.49
CA SER A 377 17.58 -12.53 -13.24
C SER A 377 17.72 -12.10 -11.79
N ILE A 378 16.62 -11.65 -11.20
CA ILE A 378 16.54 -11.32 -9.78
C ILE A 378 16.90 -12.53 -8.92
N GLU A 379 16.27 -13.66 -9.22
CA GLU A 379 16.42 -14.87 -8.42
C GLU A 379 17.85 -15.42 -8.39
N GLN A 380 18.55 -15.38 -9.53
N GLN A 380 18.54 -15.34 -9.53
CA GLN A 380 19.92 -15.90 -9.57
CA GLN A 380 19.94 -15.79 -9.61
C GLN A 380 20.85 -15.05 -8.71
C GLN A 380 20.83 -14.94 -8.70
N CYS A 381 20.63 -13.74 -8.70
N CYS A 381 20.64 -13.63 -8.74
CA CYS A 381 21.42 -12.85 -7.87
CA CYS A 381 21.37 -12.73 -7.84
C CYS A 381 21.09 -12.95 -6.37
C CYS A 381 21.10 -13.06 -6.39
N ILE A 382 19.82 -13.24 -6.06
CA ILE A 382 19.42 -13.60 -4.69
C ILE A 382 20.16 -14.85 -4.19
N ARG A 383 20.23 -15.88 -5.03
CA ARG A 383 20.92 -17.13 -4.68
C ARG A 383 22.40 -16.91 -4.40
N GLU A 384 22.99 -15.96 -5.12
CA GLU A 384 24.43 -15.76 -5.06
C GLU A 384 24.86 -14.78 -3.96
N GLN A 385 23.89 -14.05 -3.40
CA GLN A 385 24.20 -12.94 -2.49
C GLN A 385 23.44 -12.96 -1.17
N SER A 386 22.82 -14.09 -0.86
CA SER A 386 22.15 -14.29 0.43
C SER A 386 22.27 -15.76 0.82
N LEU A 387 22.11 -16.04 2.12
CA LEU A 387 22.23 -17.39 2.65
C LEU A 387 21.21 -18.35 2.03
N PRO A 388 21.69 -19.52 1.56
CA PRO A 388 20.80 -20.59 1.12
C PRO A 388 19.60 -20.82 2.04
N VAL A 389 19.82 -20.94 3.34
CA VAL A 389 18.72 -21.16 4.30
C VAL A 389 17.66 -20.05 4.26
N TYR A 390 18.08 -18.83 3.93
CA TYR A 390 17.18 -17.67 3.86
C TYR A 390 16.32 -17.65 2.60
N HIS A 391 16.84 -18.18 1.50
CA HIS A 391 16.15 -18.05 0.21
C HIS A 391 15.67 -19.37 -0.38
N GLN A 392 15.68 -20.45 0.41
CA GLN A 392 15.31 -21.79 -0.05
C GLN A 392 13.86 -21.91 -0.53
N ASP A 393 12.93 -21.58 0.35
CA ASP A 393 11.50 -21.67 0.05
C ASP A 393 10.92 -20.29 -0.19
N LEU A 394 11.74 -19.41 -0.75
CA LEU A 394 11.38 -18.01 -0.91
C LEU A 394 10.68 -17.77 -2.24
N LYS A 395 9.39 -17.50 -2.17
CA LYS A 395 8.60 -17.20 -3.36
C LYS A 395 8.84 -15.76 -3.80
N LEU A 396 9.09 -15.61 -5.09
CA LEU A 396 9.12 -14.29 -5.74
C LEU A 396 7.85 -14.12 -6.56
N VAL A 397 6.94 -13.26 -6.12
CA VAL A 397 5.66 -13.14 -6.81
C VAL A 397 5.23 -11.70 -7.13
N GLU A 398 4.39 -11.57 -8.15
CA GLU A 398 3.79 -10.30 -8.52
C GLU A 398 2.77 -9.84 -7.46
N SER A 399 2.78 -8.54 -7.17
CA SER A 399 1.82 -7.93 -6.26
C SER A 399 0.42 -8.01 -6.88
N ARG A 400 -0.60 -8.13 -6.03
CA ARG A 400 -1.99 -8.09 -6.47
C ARG A 400 -2.39 -6.70 -7.01
N PHE A 401 -1.93 -5.65 -6.34
CA PHE A 401 -2.32 -4.29 -6.71
C PHE A 401 -1.22 -3.54 -7.43
N TYR A 402 -1.62 -2.63 -8.32
CA TYR A 402 -0.73 -1.61 -8.84
C TYR A 402 -1.48 -0.39 -9.32
N LYS A 403 -2.49 -0.60 -10.17
CA LYS A 403 -3.31 0.50 -10.68
C LYS A 403 -4.50 0.82 -9.78
N GLN A 404 -4.68 0.01 -8.73
CA GLN A 404 -5.68 0.29 -7.71
C GLN A 404 -5.03 1.23 -6.70
N ALA A 405 -5.06 2.51 -7.04
CA ALA A 405 -4.31 3.53 -6.32
C ALA A 405 -4.82 3.79 -4.91
N THR A 406 -6.08 3.45 -4.64
CA THR A 406 -6.66 3.75 -3.33
C THR A 406 -6.80 2.54 -2.37
N MET A 407 -6.44 1.35 -2.85
CA MET A 407 -6.38 0.17 -1.98
C MET A 407 -5.41 0.30 -0.81
N PRO A 408 -4.23 0.96 -1.01
CA PRO A 408 -3.39 1.27 0.13
C PRO A 408 -4.13 2.03 1.24
N GLY A 409 -4.96 3.02 0.88
CA GLY A 409 -5.73 3.74 1.89
C GLY A 409 -6.76 2.85 2.57
N ALA A 410 -7.34 1.94 1.79
CA ALA A 410 -8.29 0.95 2.32
C ALA A 410 -7.65 0.09 3.42
N ALA A 411 -6.39 -0.29 3.22
CA ALA A 411 -5.61 -1.06 4.19
C ALA A 411 -5.42 -0.32 5.51
N LEU A 412 -5.17 0.98 5.43
CA LEU A 412 -5.02 1.82 6.62
C LEU A 412 -6.30 1.80 7.47
N ILE A 413 -7.44 1.87 6.79
CA ILE A 413 -8.76 1.87 7.44
C ILE A 413 -9.05 0.49 8.05
N LYS A 414 -8.82 -0.57 7.29
CA LYS A 414 -9.00 -1.92 7.83
C LYS A 414 -8.15 -2.12 9.10
N GLN A 415 -6.87 -1.74 9.04
N GLN A 415 -6.86 -1.74 9.02
CA GLN A 415 -5.99 -1.90 10.20
CA GLN A 415 -5.92 -1.82 10.15
C GLN A 415 -6.37 -1.02 11.38
C GLN A 415 -6.44 -1.05 11.36
N ALA A 416 -6.94 0.16 11.11
CA ALA A 416 -7.45 1.04 12.19
C ALA A 416 -8.69 0.47 12.88
N LEU A 417 -9.49 -0.29 12.14
CA LEU A 417 -10.61 -1.06 12.73
C LEU A 417 -10.07 -2.17 13.65
N TYR A 418 -9.13 -2.95 13.14
CA TYR A 418 -8.49 -4.03 13.89
C TYR A 418 -7.67 -3.53 15.10
N ASP A 419 -7.08 -2.35 14.99
CA ASP A 419 -6.38 -1.74 16.12
C ASP A 419 -7.38 -1.17 17.12
N GLY A 420 -8.63 -1.03 16.70
CA GLY A 420 -9.72 -0.54 17.54
C GLY A 420 -9.86 0.97 17.54
N LEU A 421 -8.87 1.67 17.00
CA LEU A 421 -8.87 3.13 16.93
C LEU A 421 -10.14 3.68 16.26
N LEU A 422 -10.44 3.16 15.07
CA LEU A 422 -11.58 3.66 14.30
C LEU A 422 -12.90 3.22 14.90
N LEU A 423 -12.95 2.01 15.44
CA LEU A 423 -14.13 1.53 16.16
C LEU A 423 -14.55 2.51 17.25
N MET A 424 -13.59 2.97 18.05
CA MET A 424 -13.89 3.84 19.16
C MET A 424 -14.37 5.20 18.68
N LYS A 425 -13.78 5.68 17.57
CA LYS A 425 -14.25 6.91 16.95
C LYS A 425 -15.70 6.80 16.47
N VAL A 426 -16.05 5.66 15.88
CA VAL A 426 -17.42 5.39 15.42
C VAL A 426 -18.40 5.23 16.60
N VAL A 427 -17.98 4.51 17.65
CA VAL A 427 -18.77 4.34 18.87
C VAL A 427 -19.00 5.70 19.54
N GLU A 428 -17.93 6.47 19.68
CA GLU A 428 -17.96 7.78 20.32
C GLU A 428 -18.97 8.73 19.65
N GLY A 429 -19.25 8.47 18.38
CA GLY A 429 -20.13 9.30 17.57
C GLY A 429 -19.32 10.17 16.63
#